data_9C9U
#
_entry.id   9C9U
#
_cell.length_a   1.00
_cell.length_b   1.00
_cell.length_c   1.00
_cell.angle_alpha   90.00
_cell.angle_beta   90.00
_cell.angle_gamma   90.00
#
_symmetry.space_group_name_H-M   'P 1'
#
loop_
_entity.id
_entity.type
_entity.pdbx_description
1 polymer 'Complement C1q subcomponent subunit B'
2 polymer 'Complement C1q subcomponent subunit A'
3 polymer 'Complement C1q subcomponent subunit C'
#
loop_
_entity_poly.entity_id
_entity_poly.type
_entity_poly.pdbx_seq_one_letter_code
_entity_poly.pdbx_strand_id
1 'polypeptide(L)' QLSCTGP(HYP)AI(HYP)GI(HYP)GI(HYP)GT(HYP)GPDGQ(HYP)GT(HYP)GIKGEKGL(HYP)GLAGDH A,D,E,F,G,H
2 'polypeptide(L)' EDLCRAPDGKKGEAGR(HYP)GRRGR(HYP)GLKGQGEPGA(HYP)GIR B,I,J,K,L,M
3 'polypeptide(L)' NTGCYGI(HYP)GM(HYP)GL(HYP)GA(HYP)GKDGYDGL(HYP)GPKGEPGI(HYP) C,N,O,P,Q,R
#
# COMPACT_ATOMS: atom_id res chain seq x y z
N PRO A 7 -36.15 -10.38 17.72
CA PRO A 7 -35.60 -9.06 18.05
C PRO A 7 -34.60 -8.57 17.01
N HYP A 8 -34.55 -7.25 16.81
CA HYP A 8 -33.58 -6.64 15.88
C HYP A 8 -32.08 -6.98 16.26
O HYP A 8 -31.74 -7.00 17.46
CB HYP A 8 -33.82 -5.14 15.87
CG HYP A 8 -35.32 -4.98 16.20
CD HYP A 8 -35.55 -6.20 17.14
OD1 HYP A 8 -36.18 -4.96 15.11
N ALA A 9 -31.24 -7.22 15.26
CA ALA A 9 -29.92 -7.79 15.49
C ALA A 9 -28.86 -6.76 15.84
N ILE A 10 -27.68 -7.26 16.20
CA ILE A 10 -26.53 -6.44 16.55
C ILE A 10 -25.39 -6.76 15.59
N HYP A 11 -24.63 -5.74 15.21
CA HYP A 11 -23.54 -5.89 14.18
C HYP A 11 -22.22 -6.56 14.72
O HYP A 11 -22.08 -6.81 15.94
CB HYP A 11 -23.25 -4.50 13.61
CG HYP A 11 -24.47 -3.64 13.93
CD HYP A 11 -24.99 -4.30 15.23
OD1 HYP A 11 -25.45 -3.57 12.93
N GLY A 12 -21.28 -6.83 13.82
CA GLY A 12 -19.99 -7.37 14.19
C GLY A 12 -18.91 -6.31 14.35
N ILE A 13 -17.71 -6.75 14.73
CA ILE A 13 -16.60 -5.81 14.95
C ILE A 13 -15.48 -6.20 13.98
N HYP A 14 -14.68 -5.22 13.59
CA HYP A 14 -13.57 -5.45 12.63
C HYP A 14 -12.27 -6.01 13.29
O HYP A 14 -12.03 -5.78 14.49
CB HYP A 14 -13.27 -4.11 11.94
CG HYP A 14 -14.59 -3.35 11.97
CD HYP A 14 -15.25 -3.89 13.27
OD1 HYP A 14 -15.40 -3.51 10.84
N GLY A 15 -11.46 -6.72 12.51
CA GLY A 15 -10.22 -7.26 12.99
C GLY A 15 -9.10 -6.25 12.95
N ILE A 16 -7.98 -6.57 13.58
CA ILE A 16 -6.87 -5.64 13.67
C ILE A 16 -5.72 -6.09 12.79
N HYP A 17 -4.86 -5.15 12.40
CA HYP A 17 -3.66 -5.49 11.60
C HYP A 17 -2.67 -6.46 12.34
O HYP A 17 -2.51 -6.36 13.57
CB HYP A 17 -2.92 -4.18 11.24
CG HYP A 17 -3.95 -3.06 11.41
CD HYP A 17 -4.93 -3.65 12.46
OD1 HYP A 17 -4.57 -2.62 10.24
N GLY A 18 -2.06 -7.38 11.60
CA GLY A 18 -1.11 -8.31 12.18
C GLY A 18 0.19 -7.64 12.56
N THR A 19 0.92 -8.25 13.48
CA THR A 19 2.17 -7.66 13.95
C THR A 19 3.24 -7.68 12.87
N HYP A 20 4.10 -6.68 12.90
CA HYP A 20 5.23 -6.63 11.97
C HYP A 20 6.35 -7.66 12.33
O HYP A 20 6.76 -7.75 13.50
CB HYP A 20 5.77 -5.19 11.95
CG HYP A 20 4.61 -4.32 12.44
CD HYP A 20 3.88 -5.29 13.38
OD1 HYP A 20 3.80 -3.77 11.45
N GLY A 21 6.83 -8.40 11.34
CA GLY A 21 7.76 -9.48 11.56
C GLY A 21 9.05 -9.10 12.26
N PRO A 22 9.69 -10.08 12.89
CA PRO A 22 11.01 -9.85 13.48
C PRO A 22 12.09 -9.79 12.42
N ASP A 23 13.19 -9.13 12.76
CA ASP A 23 14.26 -8.92 11.82
C ASP A 23 14.99 -10.23 11.50
N GLY A 24 15.64 -10.25 10.34
CA GLY A 24 16.37 -11.42 9.92
C GLY A 24 17.65 -11.64 10.70
N GLN A 25 18.18 -12.84 10.59
CA GLN A 25 19.41 -13.20 11.28
C GLN A 25 20.61 -12.57 10.59
N HYP A 26 21.56 -12.12 11.39
CA HYP A 26 22.75 -11.41 10.86
C HYP A 26 23.81 -12.36 10.19
O HYP A 26 23.84 -13.57 10.49
CB HYP A 26 23.36 -10.62 12.03
CG HYP A 26 22.15 -10.31 12.94
CD HYP A 26 21.33 -11.62 12.76
OD1 HYP A 26 21.43 -9.18 12.62
N GLY A 27 24.62 -11.81 9.28
CA GLY A 27 25.47 -12.58 8.41
C GLY A 27 26.50 -13.55 9.00
N THR A 28 27.18 -14.26 8.12
CA THR A 28 28.14 -15.30 8.52
C THR A 28 29.57 -14.76 8.55
N HYP A 29 30.51 -15.61 8.92
CA HYP A 29 31.96 -15.26 8.85
C HYP A 29 32.77 -16.08 7.77
O HYP A 29 32.27 -17.08 7.25
CB HYP A 29 32.55 -15.45 10.25
CG HYP A 29 31.41 -15.64 11.27
CD HYP A 29 30.13 -15.63 10.37
OD1 HYP A 29 31.37 -14.72 12.32
N GLY A 30 33.99 -15.65 7.50
CA GLY A 30 34.86 -16.35 6.56
C GLY A 30 34.34 -16.28 5.14
N ALA B 6 -32.04 -13.13 16.33
CA ALA B 6 -31.30 -11.96 15.89
C ALA B 6 -30.15 -12.35 14.96
N PRO B 7 -30.28 -12.00 13.68
CA PRO B 7 -29.21 -12.31 12.72
C PRO B 7 -27.99 -11.43 12.93
N ASP B 8 -27.13 -11.83 13.85
CA ASP B 8 -26.03 -10.97 14.30
C ASP B 8 -24.91 -10.91 13.25
N GLY B 9 -24.07 -9.90 13.39
CA GLY B 9 -23.04 -9.61 12.41
C GLY B 9 -21.80 -10.45 12.61
N LYS B 10 -21.21 -10.89 11.50
CA LYS B 10 -19.98 -11.67 11.52
C LYS B 10 -18.81 -10.85 12.05
N LYS B 11 -17.97 -11.51 12.86
CA LYS B 11 -16.66 -11.00 13.25
C LYS B 11 -15.69 -10.97 12.07
N GLY B 12 -14.83 -9.96 12.06
CA GLY B 12 -13.73 -9.90 11.13
C GLY B 12 -12.56 -10.75 11.59
N GLU B 13 -11.55 -10.84 10.73
CA GLU B 13 -10.36 -11.61 11.07
C GLU B 13 -9.15 -10.69 11.13
N ALA B 14 -8.32 -10.91 12.16
CA ALA B 14 -7.19 -10.04 12.39
C ALA B 14 -6.09 -10.26 11.34
N GLY B 15 -5.33 -9.21 11.08
CA GLY B 15 -4.28 -9.29 10.09
C GLY B 15 -3.24 -10.32 10.47
N ARG B 16 -2.50 -10.77 9.46
CA ARG B 16 -1.49 -11.77 9.69
C ARG B 16 -0.14 -11.13 9.96
N HYP B 17 0.63 -11.75 10.85
CA HYP B 17 1.96 -11.25 11.23
C HYP B 17 2.95 -11.15 10.01
O HYP B 17 2.93 -12.02 9.13
CB HYP B 17 2.53 -12.18 12.30
CG HYP B 17 1.75 -13.51 12.18
CD HYP B 17 0.44 -13.07 11.47
OD1 HYP B 17 1.52 -14.17 13.39
N GLY B 18 3.77 -10.11 10.00
CA GLY B 18 4.78 -9.97 8.98
C GLY B 18 5.77 -11.11 9.03
N ARG B 19 6.28 -11.51 7.87
CA ARG B 19 7.29 -12.55 7.84
C ARG B 19 8.62 -12.04 8.42
N ARG B 20 9.54 -12.97 8.62
CA ARG B 20 10.90 -12.64 9.00
C ARG B 20 11.54 -11.66 8.01
N GLY B 21 12.50 -10.89 8.50
CA GLY B 21 13.35 -10.15 7.62
C GLY B 21 14.35 -11.04 6.93
N ARG B 22 14.93 -10.53 5.85
CA ARG B 22 15.90 -11.31 5.11
C ARG B 22 17.15 -11.41 5.96
N HYP B 23 17.84 -12.54 5.86
CA HYP B 23 19.06 -12.73 6.66
C HYP B 23 20.34 -12.23 5.91
O HYP B 23 20.50 -12.50 4.71
CB HYP B 23 19.17 -14.22 7.00
CG HYP B 23 17.73 -14.74 6.97
CD HYP B 23 17.10 -13.83 5.87
OD1 HYP B 23 17.05 -14.71 8.18
N GLY B 24 21.20 -11.50 6.62
CA GLY B 24 22.43 -11.00 6.04
C GLY B 24 23.31 -12.05 5.39
N LEU B 25 24.08 -11.60 4.41
CA LEU B 25 25.01 -12.45 3.68
C LEU B 25 26.42 -12.16 4.17
N LYS B 26 27.42 -12.74 3.51
CA LYS B 26 28.79 -12.65 3.97
C LYS B 26 29.32 -11.22 3.88
N GLY B 27 30.18 -10.87 4.81
CA GLY B 27 30.93 -9.64 4.79
C GLY B 27 31.97 -9.63 3.69
N GLN B 28 33.13 -9.06 3.98
CA GLN B 28 34.14 -8.90 2.94
C GLN B 28 34.60 -10.27 2.43
N GLY B 29 35.02 -10.29 1.17
CA GLY B 29 35.87 -11.36 0.69
C GLY B 29 37.33 -11.00 0.92
N GLU B 30 37.95 -11.58 1.94
CA GLU B 30 39.30 -11.20 2.35
C GLU B 30 40.31 -11.42 1.23
N GLY C 6 -37.86 -7.17 11.70
CA GLY C 6 -36.52 -7.72 11.83
C GLY C 6 -35.48 -6.96 11.04
N ILE C 7 -34.44 -6.48 11.73
CA ILE C 7 -33.36 -5.76 11.09
C ILE C 7 -32.04 -6.47 11.39
N HYP C 8 -31.29 -6.76 10.33
CA HYP C 8 -30.06 -7.58 10.44
C HYP C 8 -28.83 -6.86 11.10
O HYP C 8 -28.81 -5.62 11.23
CB HYP C 8 -29.67 -8.05 9.03
CG HYP C 8 -30.79 -7.59 8.07
CD HYP C 8 -31.54 -6.51 8.89
OD1 HYP C 8 -31.60 -8.59 7.58
N GLY C 9 -27.84 -7.65 11.51
CA GLY C 9 -26.59 -7.11 12.00
C GLY C 9 -25.65 -6.82 10.85
N MET C 10 -24.60 -6.07 11.11
CA MET C 10 -23.69 -5.68 10.04
C MET C 10 -22.31 -6.29 10.30
N HYP C 11 -21.73 -6.87 9.26
CA HYP C 11 -20.43 -7.57 9.39
C HYP C 11 -19.20 -6.60 9.37
O HYP C 11 -19.31 -5.46 8.90
CB HYP C 11 -20.33 -8.60 8.27
CG HYP C 11 -21.36 -8.18 7.21
CD HYP C 11 -22.40 -7.39 8.05
OD1 HYP C 11 -21.91 -9.21 6.47
N GLY C 12 -18.07 -7.08 9.88
CA GLY C 12 -16.84 -6.32 9.86
C GLY C 12 -15.93 -6.72 8.73
N LEU C 13 -14.86 -5.96 8.54
CA LEU C 13 -13.90 -6.25 7.49
C LEU C 13 -12.62 -6.83 8.06
N HYP C 14 -11.80 -7.40 7.19
CA HYP C 14 -10.53 -8.03 7.59
C HYP C 14 -9.40 -7.05 8.09
O HYP C 14 -9.37 -5.87 7.68
CB HYP C 14 -10.03 -8.84 6.38
CG HYP C 14 -11.24 -9.05 5.45
CD HYP C 14 -12.39 -8.26 6.14
OD1 HYP C 14 -11.58 -10.38 5.19
N GLY C 15 -8.51 -7.54 8.94
CA GLY C 15 -7.38 -6.75 9.39
C GLY C 15 -6.26 -6.76 8.37
N ALA C 16 -5.46 -5.70 8.36
CA ALA C 16 -4.37 -5.59 7.40
C ALA C 16 -3.21 -6.49 7.80
N HYP C 17 -2.67 -7.20 6.83
CA HYP C 17 -1.52 -8.11 7.08
C HYP C 17 -0.21 -7.34 7.52
O HYP C 17 0.01 -6.20 7.08
CB HYP C 17 -1.29 -8.93 5.82
CG HYP C 17 -2.69 -9.05 5.17
CD HYP C 17 -3.33 -7.69 5.59
OD1 HYP C 17 -3.44 -10.15 5.56
N GLY C 18 0.61 -7.96 8.35
CA GLY C 18 1.75 -7.30 8.96
C GLY C 18 2.93 -6.98 8.07
N LYS C 19 3.56 -5.84 8.33
CA LYS C 19 4.79 -5.48 7.64
C LYS C 19 5.89 -6.45 8.05
N ASP C 20 6.69 -6.87 7.08
CA ASP C 20 7.69 -7.90 7.34
C ASP C 20 8.85 -7.33 8.14
N GLY C 21 9.62 -8.24 8.73
CA GLY C 21 10.84 -7.89 9.41
C GLY C 21 11.88 -7.32 8.46
N TYR C 22 13.02 -6.91 9.02
CA TYR C 22 14.01 -6.17 8.28
C TYR C 22 15.26 -7.02 8.10
N ASP C 23 16.12 -6.61 7.18
CA ASP C 23 17.30 -7.40 6.86
C ASP C 23 18.30 -7.34 7.99
N GLY C 24 18.75 -8.51 8.43
CA GLY C 24 19.85 -8.58 9.37
C GLY C 24 21.13 -8.11 8.71
N LEU C 25 21.93 -7.36 9.46
CA LEU C 25 23.18 -6.85 8.91
C LEU C 25 24.13 -7.98 8.54
N HYP C 26 24.98 -7.72 7.56
CA HYP C 26 25.88 -8.77 7.01
C HYP C 26 27.15 -9.06 7.90
O HYP C 26 27.64 -8.16 8.60
CB HYP C 26 26.29 -8.31 5.60
CG HYP C 26 25.21 -7.29 5.18
CD HYP C 26 24.85 -6.67 6.54
OD1 HYP C 26 24.10 -7.82 4.52
N GLY C 27 27.63 -10.29 7.83
CA GLY C 27 28.67 -10.78 8.73
C GLY C 27 29.97 -10.02 8.84
N PRO C 28 30.63 -10.15 9.98
CA PRO C 28 31.93 -9.51 10.17
C PRO C 28 33.05 -10.33 9.59
N LYS C 29 34.28 -9.89 9.85
CA LYS C 29 35.47 -10.64 9.49
C LYS C 29 35.46 -12.00 10.17
N GLY C 30 35.75 -13.04 9.39
CA GLY C 30 35.78 -14.40 9.90
C GLY C 30 37.17 -14.90 10.22
N PRO D 7 -40.08 -10.58 2.72
CA PRO D 7 -39.38 -10.31 3.97
C PRO D 7 -38.13 -9.45 3.76
N HYP D 8 -37.80 -8.64 4.76
CA HYP D 8 -36.57 -7.80 4.70
C HYP D 8 -35.26 -8.66 4.54
O HYP D 8 -35.16 -9.75 5.16
CB HYP D 8 -36.53 -6.94 5.96
CG HYP D 8 -38.01 -6.76 6.35
CD HYP D 8 -38.62 -8.10 5.86
OD1 HYP D 8 -38.63 -5.64 5.82
N ALA D 9 -34.32 -8.19 3.75
CA ALA D 9 -33.19 -9.00 3.32
C ALA D 9 -32.04 -9.04 4.34
N ILE D 10 -31.05 -9.88 4.03
CA ILE D 10 -29.86 -10.04 4.86
C ILE D 10 -28.63 -9.71 4.00
N HYP D 11 -27.64 -9.07 4.61
CA HYP D 11 -26.44 -8.59 3.85
C HYP D 11 -25.38 -9.72 3.52
O HYP D 11 -25.51 -10.87 3.97
CB HYP D 11 -25.78 -7.48 4.68
CG HYP D 11 -26.88 -6.98 5.65
CD HYP D 11 -27.73 -8.25 5.83
OD1 HYP D 11 -27.62 -5.88 5.23
N GLY D 12 -24.36 -9.35 2.74
CA GLY D 12 -23.27 -10.28 2.42
C GLY D 12 -22.07 -10.13 3.34
N ILE D 13 -21.06 -10.96 3.13
CA ILE D 13 -19.87 -10.95 3.96
C ILE D 13 -18.67 -10.64 3.05
N HYP D 14 -17.64 -10.02 3.61
CA HYP D 14 -16.43 -9.64 2.84
C HYP D 14 -15.40 -10.80 2.67
O HYP D 14 -15.35 -11.72 3.50
CB HYP D 14 -15.78 -8.46 3.57
CG HYP D 14 -16.92 -7.74 4.29
CD HYP D 14 -17.89 -8.93 4.58
OD1 HYP D 14 -17.51 -6.70 3.58
N GLY D 15 -14.61 -10.73 1.60
CA GLY D 15 -13.60 -11.73 1.33
C GLY D 15 -12.32 -11.45 2.10
N ILE D 16 -11.42 -12.43 2.12
CA ILE D 16 -10.19 -12.30 2.89
C ILE D 16 -9.00 -12.11 1.97
N HYP D 17 -7.94 -11.52 2.49
CA HYP D 17 -6.68 -11.34 1.71
C HYP D 17 -6.05 -12.71 1.24
O HYP D 17 -6.10 -13.71 1.99
CB HYP D 17 -5.67 -10.57 2.56
CG HYP D 17 -6.49 -9.86 3.65
CD HYP D 17 -7.74 -10.78 3.77
OD1 HYP D 17 -6.79 -8.52 3.40
N GLY D 18 -5.48 -12.73 0.05
CA GLY D 18 -4.85 -13.93 -0.47
C GLY D 18 -3.55 -14.23 0.24
N THR D 19 -3.11 -15.48 0.19
CA THR D 19 -1.90 -15.89 0.86
C THR D 19 -0.66 -15.28 0.20
N HYP D 20 0.35 -15.02 1.01
CA HYP D 20 1.62 -14.51 0.47
C HYP D 20 2.45 -15.63 -0.25
O HYP D 20 2.60 -16.75 0.29
CB HYP D 20 2.41 -13.89 1.64
CG HYP D 20 1.36 -13.55 2.71
CD HYP D 20 0.29 -14.63 2.44
OD1 HYP D 20 0.86 -12.24 2.66
N GLY D 21 2.95 -15.32 -1.44
CA GLY D 21 3.62 -16.30 -2.27
C GLY D 21 4.80 -17.00 -1.63
N PRO D 22 5.12 -18.19 -2.14
CA PRO D 22 6.32 -18.88 -1.69
C PRO D 22 7.57 -18.27 -2.29
N ASP D 23 8.69 -18.49 -1.61
CA ASP D 23 9.94 -17.88 -2.01
C ASP D 23 10.46 -18.48 -3.31
N GLY D 24 11.31 -17.72 -4.00
CA GLY D 24 11.87 -18.16 -5.25
C GLY D 24 12.92 -19.25 -5.06
N GLN D 25 13.22 -19.92 -6.17
CA GLN D 25 14.22 -20.97 -6.16
C GLN D 25 15.63 -20.39 -6.07
N HYP D 26 16.49 -21.04 -5.31
CA HYP D 26 17.86 -20.55 -5.06
C HYP D 26 18.83 -20.76 -6.30
O HYP D 26 18.59 -21.66 -7.14
CB HYP D 26 18.37 -21.26 -3.80
CG HYP D 26 17.10 -21.54 -2.99
CD HYP D 26 16.10 -21.85 -4.13
OD1 HYP D 26 16.66 -20.50 -2.17
N GLY D 27 19.88 -19.95 -6.37
CA GLY D 27 20.73 -19.86 -7.54
C GLY D 27 21.42 -21.09 -8.07
N THR D 28 22.11 -20.93 -9.20
CA THR D 28 22.77 -22.03 -9.89
C THR D 28 24.26 -22.14 -9.51
N HYP D 29 24.94 -23.13 -10.06
CA HYP D 29 26.40 -23.25 -9.87
C HYP D 29 27.24 -23.02 -11.19
O HYP D 29 26.67 -22.97 -12.29
CB HYP D 29 26.69 -24.66 -9.31
CG HYP D 29 25.36 -25.28 -8.85
CD HYP D 29 24.30 -24.22 -9.27
OD1 HYP D 29 25.29 -25.67 -7.51
N GLY D 30 28.56 -22.88 -11.06
CA GLY D 30 29.43 -22.69 -12.20
C GLY D 30 29.21 -21.37 -12.90
N ALA E 6 -36.47 -11.65 -0.77
CA ALA E 6 -35.45 -10.90 -0.04
C ALA E 6 -34.23 -10.62 -0.92
N PRO E 7 -34.05 -9.36 -1.30
CA PRO E 7 -32.88 -9.01 -2.12
C PRO E 7 -31.59 -9.06 -1.32
N ASP E 8 -31.00 -10.25 -1.22
CA ASP E 8 -29.89 -10.48 -0.32
C ASP E 8 -28.59 -9.88 -0.88
N GLY E 9 -27.63 -9.71 0.03
CA GLY E 9 -26.38 -9.03 -0.31
C GLY E 9 -25.38 -9.94 -0.98
N LYS E 10 -24.68 -9.39 -1.97
CA LYS E 10 -23.64 -10.13 -2.69
C LYS E 10 -22.46 -10.47 -1.77
N LYS E 11 -21.93 -11.68 -1.95
CA LYS E 11 -20.65 -12.10 -1.38
C LYS E 11 -19.49 -11.37 -2.03
N GLY E 12 -18.47 -11.09 -1.22
CA GLY E 12 -17.22 -10.57 -1.73
C GLY E 12 -16.33 -11.68 -2.27
N GLU E 13 -15.21 -11.28 -2.84
CA GLU E 13 -14.27 -12.25 -3.38
C GLU E 13 -12.95 -12.17 -2.63
N ALA E 14 -12.39 -13.34 -2.32
CA ALA E 14 -11.18 -13.41 -1.52
C ALA E 14 -9.97 -12.93 -2.31
N GLY E 15 -8.99 -12.39 -1.60
CA GLY E 15 -7.79 -11.90 -2.25
C GLY E 15 -7.05 -13.00 -2.98
N ARG E 16 -6.23 -12.58 -3.92
CA ARG E 16 -5.48 -13.53 -4.72
C ARG E 16 -4.12 -13.79 -4.09
N HYP E 17 -3.67 -15.04 -4.19
CA HYP E 17 -2.37 -15.45 -3.64
C HYP E 17 -1.16 -14.65 -4.25
O HYP E 17 -1.16 -14.35 -5.46
CB HYP E 17 -2.21 -16.94 -3.90
CG HYP E 17 -3.17 -17.31 -5.03
CD HYP E 17 -4.21 -16.16 -4.98
OD1 HYP E 17 -3.75 -18.57 -4.95
N GLY E 18 -0.17 -14.35 -3.42
CA GLY E 18 1.03 -13.69 -3.89
C GLY E 18 1.76 -14.57 -4.88
N ARG E 19 2.41 -13.94 -5.86
CA ARG E 19 3.20 -14.71 -6.82
C ARG E 19 4.45 -15.28 -6.14
N ARG E 20 5.14 -16.15 -6.88
CA ARG E 20 6.44 -16.65 -6.47
C ARG E 20 7.42 -15.52 -6.19
N GLY E 21 8.39 -15.80 -5.33
CA GLY E 21 9.52 -14.92 -5.21
C GLY E 21 10.46 -15.06 -6.38
N ARG E 22 11.32 -14.07 -6.55
CA ARG E 22 12.26 -14.10 -7.65
C ARG E 22 13.27 -15.18 -7.36
N HYP E 23 13.75 -15.84 -8.40
CA HYP E 23 14.73 -16.92 -8.20
C HYP E 23 16.21 -16.38 -8.24
O HYP E 23 16.55 -15.56 -9.12
CB HYP E 23 14.50 -17.96 -9.29
CG HYP E 23 13.03 -17.81 -9.67
CD HYP E 23 12.81 -16.30 -9.45
OD1 HYP E 23 12.13 -18.62 -8.97
N GLY E 24 17.03 -16.84 -7.30
CA GLY E 24 18.41 -16.43 -7.24
C GLY E 24 19.20 -16.64 -8.51
N LEU E 25 20.23 -15.81 -8.69
CA LEU E 25 21.11 -15.88 -9.84
C LEU E 25 22.42 -16.51 -9.42
N LYS E 26 23.40 -16.51 -10.31
CA LYS E 26 24.66 -17.21 -10.06
C LYS E 26 25.44 -16.56 -8.92
N GLY E 27 26.16 -17.40 -8.19
CA GLY E 27 27.11 -16.96 -7.19
C GLY E 27 28.32 -16.31 -7.81
N GLN E 28 29.49 -16.58 -7.24
CA GLN E 28 30.70 -15.91 -7.71
C GLN E 28 30.99 -16.29 -9.16
N GLY E 29 31.64 -15.37 -9.85
CA GLY E 29 32.36 -15.72 -11.07
C GLY E 29 33.78 -16.11 -10.72
N GLU E 30 34.06 -17.41 -10.70
CA GLU E 30 35.36 -17.91 -10.23
C GLU E 30 36.51 -17.37 -11.07
N GLY F 6 -39.95 -3.60 2.24
CA GLY F 6 -38.78 -4.34 1.80
C GLY F 6 -37.49 -3.55 1.92
N ILE F 7 -36.53 -4.12 2.65
CA ILE F 7 -35.23 -3.48 2.82
C ILE F 7 -34.15 -4.44 2.34
N HYP F 8 -33.28 -3.94 1.47
CA HYP F 8 -32.26 -4.77 0.79
C HYP F 8 -31.06 -5.22 1.70
O HYP F 8 -30.84 -4.66 2.79
CB HYP F 8 -31.72 -3.99 -0.42
CG HYP F 8 -32.54 -2.70 -0.53
CD HYP F 8 -33.22 -2.59 0.86
OD1 HYP F 8 -33.44 -2.65 -1.59
N GLY F 9 -30.32 -6.23 1.23
CA GLY F 9 -29.10 -6.66 1.89
C GLY F 9 -27.94 -5.79 1.42
N MET F 10 -26.82 -5.86 2.13
CA MET F 10 -25.68 -5.03 1.79
C MET F 10 -24.51 -5.90 1.37
N HYP F 11 -23.88 -5.54 0.26
CA HYP F 11 -22.78 -6.35 -0.30
C HYP F 11 -21.39 -6.12 0.42
O HYP F 11 -21.21 -5.09 1.09
CB HYP F 11 -22.66 -6.04 -1.79
CG HYP F 11 -23.38 -4.70 -1.99
CD HYP F 11 -24.40 -4.69 -0.82
OD1 HYP F 11 -23.99 -4.53 -3.24
N GLY F 12 -20.49 -7.07 0.26
CA GLY F 12 -19.15 -6.95 0.82
C GLY F 12 -18.14 -6.49 -0.21
N LEU F 13 -16.94 -6.19 0.25
CA LEU F 13 -15.87 -5.75 -0.65
C LEU F 13 -14.85 -6.84 -0.86
N HYP F 14 -14.00 -6.66 -1.86
CA HYP F 14 -12.96 -7.65 -2.23
C HYP F 14 -11.77 -7.79 -1.19
O HYP F 14 -11.47 -6.84 -0.45
CB HYP F 14 -12.42 -7.24 -3.60
CG HYP F 14 -13.48 -6.31 -4.25
CD HYP F 14 -14.55 -6.15 -3.13
OD1 HYP F 14 -13.99 -6.74 -5.46
N GLY F 15 -11.16 -8.96 -1.16
CA GLY F 15 -10.00 -9.20 -0.30
C GLY F 15 -8.74 -8.66 -0.96
N ALA F 16 -7.77 -8.28 -0.13
CA ALA F 16 -6.52 -7.72 -0.64
C ALA F 16 -5.65 -8.82 -1.22
N HYP F 17 -5.08 -8.57 -2.39
CA HYP F 17 -4.18 -9.55 -3.04
C HYP F 17 -2.85 -9.80 -2.23
O HYP F 17 -2.35 -8.89 -1.55
CB HYP F 17 -3.89 -9.04 -4.45
CG HYP F 17 -5.14 -8.23 -4.84
CD HYP F 17 -5.59 -7.67 -3.45
OD1 HYP F 17 -6.14 -8.95 -5.48
N GLY F 18 -2.32 -11.03 -2.31
CA GLY F 18 -1.21 -11.44 -1.46
C GLY F 18 0.15 -10.84 -1.78
N LYS F 19 0.92 -10.58 -0.73
CA LYS F 19 2.30 -10.16 -0.90
C LYS F 19 3.12 -11.29 -1.51
N ASP F 20 3.98 -10.94 -2.46
CA ASP F 20 4.71 -11.95 -3.19
C ASP F 20 5.80 -12.59 -2.34
N GLY F 21 6.27 -13.74 -2.79
CA GLY F 21 7.39 -14.40 -2.16
C GLY F 21 8.67 -13.60 -2.30
N TYR F 22 9.74 -14.12 -1.70
CA TYR F 22 10.98 -13.36 -1.57
C TYR F 22 12.06 -13.99 -2.44
N ASP F 23 13.13 -13.25 -2.66
CA ASP F 23 14.18 -13.70 -3.56
C ASP F 23 14.96 -14.84 -2.92
N GLY F 24 15.09 -15.94 -3.65
CA GLY F 24 15.98 -17.00 -3.23
C GLY F 24 17.43 -16.56 -3.28
N LEU F 25 18.20 -16.94 -2.29
CA LEU F 25 19.61 -16.55 -2.23
C LEU F 25 20.36 -17.10 -3.44
N HYP F 26 21.42 -16.38 -3.83
CA HYP F 26 22.19 -16.73 -5.05
C HYP F 26 23.20 -17.92 -4.84
O HYP F 26 23.73 -18.12 -3.73
CB HYP F 26 22.92 -15.45 -5.49
CG HYP F 26 22.15 -14.30 -4.84
CD HYP F 26 21.67 -14.96 -3.54
OD1 HYP F 26 21.09 -13.78 -5.59
N GLY F 27 23.46 -18.67 -5.91
CA GLY F 27 24.20 -19.92 -5.86
C GLY F 27 25.58 -19.91 -5.23
N PRO F 28 26.00 -21.07 -4.73
CA PRO F 28 27.34 -21.19 -4.14
C PRO F 28 28.37 -21.46 -5.22
N LYS F 29 29.60 -21.74 -4.76
CA LYS F 29 30.67 -22.16 -5.65
C LYS F 29 30.29 -23.44 -6.38
N GLY F 30 30.51 -23.45 -7.68
CA GLY F 30 30.21 -24.60 -8.51
C GLY F 30 31.40 -25.48 -8.81
N PRO G 7 -41.16 2.90 -5.16
CA PRO G 7 -40.66 1.82 -4.30
C PRO G 7 -39.26 2.10 -3.77
N HYP G 8 -38.97 1.61 -2.56
CA HYP G 8 -37.63 1.75 -1.97
C HYP G 8 -36.49 1.10 -2.86
O HYP G 8 -36.72 0.02 -3.44
CB HYP G 8 -37.67 1.13 -0.56
CG HYP G 8 -39.12 1.28 -0.12
CD HYP G 8 -39.89 1.17 -1.47
OD1 HYP G 8 -39.42 2.46 0.58
N ALA G 9 -35.34 1.75 -2.93
CA ALA G 9 -34.32 1.39 -3.91
C ALA G 9 -33.42 0.25 -3.47
N ILE G 10 -32.58 -0.19 -4.39
CA ILE G 10 -31.61 -1.26 -4.17
C ILE G 10 -30.21 -0.71 -4.41
N HYP G 11 -29.24 -1.14 -3.61
CA HYP G 11 -27.85 -0.59 -3.68
C HYP G 11 -26.97 -1.16 -4.87
O HYP G 11 -27.40 -2.07 -5.59
CB HYP G 11 -27.17 -0.88 -2.33
CG HYP G 11 -28.31 -1.15 -1.33
CD HYP G 11 -29.41 -1.71 -2.26
OD1 HYP G 11 -28.73 -0.04 -0.59
N GLY G 12 -25.77 -0.61 -5.03
CA GLY G 12 -24.85 -1.09 -6.04
C GLY G 12 -23.83 -2.08 -5.50
N ILE G 13 -22.97 -2.60 -6.38
CA ILE G 13 -21.97 -3.57 -6.00
C ILE G 13 -20.59 -2.98 -6.28
N HYP G 14 -19.59 -3.40 -5.52
CA HYP G 14 -18.21 -2.89 -5.68
C HYP G 14 -17.40 -3.60 -6.82
O HYP G 14 -17.69 -4.77 -7.15
CB HYP G 14 -17.49 -3.06 -4.34
CG HYP G 14 -18.60 -3.01 -3.29
CD HYP G 14 -19.82 -3.59 -4.06
OD1 HYP G 14 -18.84 -1.75 -2.75
N GLY G 15 -16.42 -2.90 -7.38
CA GLY G 15 -15.58 -3.45 -8.42
C GLY G 15 -14.45 -4.28 -7.86
N ILE G 16 -13.77 -5.01 -8.72
CA ILE G 16 -12.70 -5.90 -8.27
C ILE G 16 -11.34 -5.35 -8.67
N HYP G 17 -10.30 -5.76 -7.95
CA HYP G 17 -8.92 -5.36 -8.31
C HYP G 17 -8.48 -5.83 -9.75
O HYP G 17 -8.86 -6.93 -10.17
CB HYP G 17 -7.97 -5.94 -7.25
CG HYP G 17 -8.82 -6.27 -6.03
CD HYP G 17 -10.22 -6.50 -6.66
OD1 HYP G 17 -8.81 -5.31 -5.01
N GLY G 18 -7.71 -5.00 -10.43
CA GLY G 18 -7.22 -5.34 -11.75
C GLY G 18 -6.16 -6.42 -11.70
N THR G 19 -5.97 -7.12 -12.82
CA THR G 19 -5.00 -8.20 -12.86
C THR G 19 -3.57 -7.67 -12.78
N HYP G 20 -2.69 -8.47 -12.19
CA HYP G 20 -1.28 -8.10 -12.11
C HYP G 20 -0.55 -8.28 -13.49
O HYP G 20 -0.71 -9.33 -14.15
CB HYP G 20 -0.62 -8.95 -11.02
CG HYP G 20 -1.77 -9.39 -10.10
CD HYP G 20 -2.95 -9.43 -11.09
OD1 HYP G 20 -2.00 -8.56 -9.00
N GLY G 21 0.22 -7.28 -13.91
CA GLY G 21 0.83 -7.27 -15.21
C GLY G 21 1.72 -8.46 -15.53
N PRO G 22 1.91 -8.72 -16.82
CA PRO G 22 2.85 -9.75 -17.24
C PRO G 22 4.29 -9.27 -17.11
N ASP G 23 5.19 -10.23 -17.00
CA ASP G 23 6.59 -9.93 -16.77
C ASP G 23 7.22 -9.29 -18.01
N GLY G 24 8.30 -8.56 -17.77
CA GLY G 24 9.00 -7.91 -18.86
C GLY G 24 9.78 -8.87 -19.73
N GLN G 25 10.16 -8.38 -20.90
CA GLN G 25 10.92 -9.18 -21.85
C GLN G 25 12.37 -9.32 -21.39
N HYP G 26 12.93 -10.50 -21.59
CA HYP G 26 14.29 -10.82 -21.13
C HYP G 26 15.43 -10.16 -22.01
O HYP G 26 15.18 -9.86 -23.20
CB HYP G 26 14.42 -12.34 -21.07
CG HYP G 26 12.98 -12.82 -20.79
CD HYP G 26 12.17 -11.78 -21.61
OD1 HYP G 26 12.60 -12.87 -19.46
N GLY G 27 16.60 -9.97 -21.43
CA GLY G 27 17.66 -9.17 -22.02
C GLY G 27 18.20 -9.54 -23.40
N THR G 28 19.11 -8.71 -23.90
CA THR G 28 19.68 -8.87 -25.23
C THR G 28 21.00 -9.63 -25.21
N HYP G 29 21.58 -9.84 -26.38
CA HYP G 29 22.94 -10.45 -26.48
C HYP G 29 24.04 -9.45 -27.02
O HYP G 29 23.71 -8.38 -27.54
CB HYP G 29 22.84 -11.69 -27.37
CG HYP G 29 21.35 -12.04 -27.58
CD HYP G 29 20.61 -10.88 -26.84
OD1 HYP G 29 20.96 -13.32 -27.18
N GLY G 30 25.31 -9.84 -26.90
CA GLY G 30 26.40 -9.03 -27.41
C GLY G 30 26.57 -7.74 -26.66
N ALA H 6 -37.10 4.18 -8.14
CA ALA H 6 -36.13 3.69 -7.18
C ALA H 6 -34.74 4.24 -7.46
N PRO H 7 -34.25 5.12 -6.59
CA PRO H 7 -32.90 5.67 -6.78
C PRO H 7 -31.82 4.64 -6.49
N ASP H 8 -31.49 3.83 -7.49
CA ASP H 8 -30.63 2.68 -7.28
C ASP H 8 -29.17 3.09 -7.14
N GLY H 9 -28.38 2.17 -6.59
CA GLY H 9 -27.00 2.46 -6.24
C GLY H 9 -26.06 2.32 -7.43
N LYS H 10 -25.08 3.23 -7.51
CA LYS H 10 -24.08 3.19 -8.57
C LYS H 10 -23.19 1.96 -8.46
N LYS H 11 -22.87 1.38 -9.62
CA LYS H 11 -21.83 0.38 -9.76
C LYS H 11 -20.43 0.97 -9.54
N GLY H 12 -19.56 0.16 -8.94
CA GLY H 12 -18.16 0.51 -8.83
C GLY H 12 -17.42 0.20 -10.10
N GLU H 13 -16.14 0.58 -10.12
CA GLU H 13 -15.30 0.31 -11.29
C GLU H 13 -14.17 -0.63 -10.91
N ALA H 14 -13.90 -1.59 -11.78
CA ALA H 14 -12.91 -2.61 -11.49
C ALA H 14 -11.50 -2.03 -11.56
N GLY H 15 -10.59 -2.62 -10.79
CA GLY H 15 -9.22 -2.15 -10.78
C GLY H 15 -8.57 -2.27 -12.13
N ARG H 16 -7.51 -1.49 -12.31
CA ARG H 16 -6.81 -1.48 -13.58
C ARG H 16 -5.66 -2.49 -13.56
N HYP H 17 -5.44 -3.12 -14.70
CA HYP H 17 -4.37 -4.12 -14.84
C HYP H 17 -2.94 -3.54 -14.55
O HYP H 17 -2.64 -2.39 -14.91
CB HYP H 17 -4.44 -4.67 -16.27
CG HYP H 17 -5.21 -3.65 -17.11
CD HYP H 17 -6.02 -2.87 -16.04
OD1 HYP H 17 -6.02 -4.17 -18.11
N GLY H 18 -2.10 -4.34 -13.91
CA GLY H 18 -0.72 -3.95 -13.67
C GLY H 18 0.02 -3.73 -14.97
N ARG H 19 0.94 -2.78 -14.97
CA ARG H 19 1.75 -2.56 -16.16
C ARG H 19 2.72 -3.72 -16.37
N ARG H 20 3.37 -3.71 -17.54
CA ARG H 20 4.45 -4.64 -17.83
C ARG H 20 5.54 -4.58 -16.79
N GLY H 21 6.27 -5.68 -16.63
CA GLY H 21 7.50 -5.65 -15.88
C GLY H 21 8.60 -4.98 -16.66
N ARG H 22 9.64 -4.59 -15.95
CA ARG H 22 10.75 -3.93 -16.59
C ARG H 22 11.48 -4.95 -17.43
N HYP H 23 12.02 -4.53 -18.56
CA HYP H 23 12.74 -5.47 -19.44
C HYP H 23 14.26 -5.56 -19.08
O HYP H 23 14.91 -4.53 -18.86
CB HYP H 23 12.53 -5.01 -20.87
CG HYP H 23 11.21 -4.23 -20.86
CD HYP H 23 11.23 -3.63 -19.43
OD1 HYP H 23 10.07 -4.97 -21.15
N GLY H 24 14.79 -6.78 -19.03
CA GLY H 24 16.19 -7.00 -18.74
C GLY H 24 17.14 -6.24 -19.62
N LEU H 25 18.32 -5.95 -19.06
CA LEU H 25 19.39 -5.26 -19.76
C LEU H 25 20.45 -6.26 -20.16
N LYS H 26 21.57 -5.77 -20.67
CA LYS H 26 22.60 -6.64 -21.22
C LYS H 26 23.25 -7.48 -20.12
N GLY H 27 23.65 -8.69 -20.50
CA GLY H 27 24.45 -9.56 -19.67
C GLY H 27 25.86 -9.04 -19.50
N GLN H 28 26.83 -9.95 -19.50
CA GLN H 28 28.20 -9.55 -19.24
C GLN H 28 28.70 -8.60 -20.33
N GLY H 29 29.63 -7.74 -19.94
CA GLY H 29 30.49 -7.09 -20.90
C GLY H 29 31.73 -7.94 -21.14
N GLU H 30 31.76 -8.66 -22.26
CA GLU H 30 32.83 -9.62 -22.52
C GLU H 30 34.20 -8.96 -22.56
N GLY I 6 -39.63 6.90 0.54
CA GLY I 6 -38.55 6.60 -0.39
C GLY I 6 -37.20 6.52 0.28
N ILE I 7 -36.53 5.38 0.09
CA ILE I 7 -35.19 5.17 0.65
C ILE I 7 -34.24 4.84 -0.49
N HYP I 8 -33.13 5.57 -0.54
CA HYP I 8 -32.18 5.47 -1.67
C HYP I 8 -31.29 4.17 -1.68
O HYP I 8 -31.20 3.46 -0.66
CB HYP I 8 -31.26 6.71 -1.63
CG HYP I 8 -31.78 7.63 -0.52
CD HYP I 8 -32.69 6.70 0.31
OD1 HYP I 8 -32.41 8.80 -0.95
N GLY I 9 -30.67 3.89 -2.82
CA GLY I 9 -29.71 2.81 -2.94
C GLY I 9 -28.34 3.29 -2.51
N MET I 10 -27.43 2.36 -2.26
CA MET I 10 -26.10 2.71 -1.79
C MET I 10 -25.06 2.33 -2.83
N HYP I 11 -24.15 3.26 -3.11
CA HYP I 11 -23.13 3.06 -4.16
C HYP I 11 -21.91 2.19 -3.68
O HYP I 11 -21.68 2.06 -2.47
CB HYP I 11 -22.65 4.43 -4.63
CG HYP I 11 -23.05 5.43 -3.53
CD HYP I 11 -24.26 4.72 -2.88
OD1 HYP I 11 -23.34 6.71 -3.98
N GLY I 12 -21.18 1.63 -4.64
CA GLY I 12 -19.99 0.86 -4.33
C GLY I 12 -18.73 1.66 -4.51
N LEU I 13 -17.61 1.08 -4.09
CA LEU I 13 -16.32 1.75 -4.22
C LEU I 13 -15.50 1.14 -5.34
N HYP I 14 -14.43 1.83 -5.73
CA HYP I 14 -13.56 1.40 -6.83
C HYP I 14 -12.66 0.14 -6.51
O HYP I 14 -12.33 -0.11 -5.34
CB HYP I 14 -12.67 2.59 -7.19
CG HYP I 14 -13.37 3.86 -6.66
CD HYP I 14 -14.61 3.30 -5.89
OD1 HYP I 14 -13.70 4.82 -7.60
N GLY I 15 -12.29 -0.62 -7.54
CA GLY I 15 -11.40 -1.75 -7.38
C GLY I 15 -9.95 -1.30 -7.33
N ALA I 16 -9.13 -2.08 -6.64
CA ALA I 16 -7.72 -1.74 -6.49
C ALA I 16 -6.96 -2.00 -7.79
N HYP I 17 -6.13 -1.06 -8.19
CA HYP I 17 -5.31 -1.21 -9.41
C HYP I 17 -4.25 -2.37 -9.31
O HYP I 17 -3.73 -2.65 -8.21
CB HYP I 17 -4.65 0.14 -9.69
CG HYP I 17 -5.62 1.18 -9.12
CD HYP I 17 -6.21 0.40 -7.91
OD1 HYP I 17 -6.58 1.66 -10.00
N GLY I 18 -3.95 -3.02 -10.44
CA GLY I 18 -3.14 -4.22 -10.44
C GLY I 18 -1.65 -4.05 -10.16
N LYS I 19 -1.08 -5.03 -9.47
CA LYS I 19 0.35 -5.06 -9.26
C LYS I 19 1.06 -5.30 -10.60
N ASP I 20 2.15 -4.57 -10.82
CA ASP I 20 2.80 -4.63 -12.10
C ASP I 20 3.56 -5.94 -12.29
N GLY I 21 3.89 -6.23 -13.55
CA GLY I 21 4.71 -7.38 -13.87
C GLY I 21 6.12 -7.24 -13.33
N TYR I 22 6.92 -8.27 -13.53
CA TYR I 22 8.23 -8.36 -12.90
C TYR I 22 9.32 -8.22 -13.94
N ASP I 23 10.54 -7.97 -13.47
CA ASP I 23 11.64 -7.72 -14.38
C ASP I 23 12.05 -9.01 -15.08
N GLY I 24 12.12 -8.95 -16.41
CA GLY I 24 12.69 -10.04 -17.18
C GLY I 24 14.17 -10.18 -16.89
N LEU I 25 14.63 -11.41 -16.78
CA LEU I 25 16.04 -11.65 -16.50
C LEU I 25 16.93 -11.11 -17.62
N HYP I 26 18.14 -10.73 -17.26
CA HYP I 26 19.07 -10.08 -18.22
C HYP I 26 19.78 -11.09 -19.21
O HYP I 26 20.01 -12.26 -18.85
CB HYP I 26 20.12 -9.31 -17.38
CG HYP I 26 19.45 -9.10 -16.01
CD HYP I 26 18.60 -10.38 -15.91
OD1 HYP I 26 18.69 -7.94 -15.89
N GLY I 27 20.11 -10.61 -20.40
CA GLY I 27 20.58 -11.44 -21.50
C GLY I 27 21.78 -12.33 -21.27
N PRO I 28 21.85 -13.41 -22.03
CA PRO I 28 23.00 -14.33 -21.93
C PRO I 28 24.16 -13.84 -22.77
N LYS I 29 25.19 -14.68 -22.86
CA LYS I 29 26.32 -14.41 -23.72
C LYS I 29 25.87 -14.31 -25.17
N GLY I 30 26.36 -13.27 -25.86
CA GLY I 30 26.02 -13.03 -27.24
C GLY I 30 27.06 -13.51 -28.22
N PRO J 7 -38.13 16.33 1.97
CA PRO J 7 -38.03 14.95 1.48
C PRO J 7 -36.73 14.28 1.92
N HYP J 8 -36.77 12.97 2.11
CA HYP J 8 -35.56 12.19 2.48
C HYP J 8 -34.42 12.31 1.40
O HYP J 8 -34.71 12.33 0.20
CB HYP J 8 -35.99 10.74 2.68
CG HYP J 8 -37.45 10.83 3.14
CD HYP J 8 -37.94 12.08 2.37
OD1 HYP J 8 -37.66 10.89 4.52
N ALA J 9 -33.18 12.40 1.86
CA ALA J 9 -32.07 12.77 0.98
C ALA J 9 -31.49 11.60 0.19
N ILE J 10 -30.57 11.94 -0.72
CA ILE J 10 -29.88 10.96 -1.55
C ILE J 10 -28.38 11.08 -1.29
N HYP J 11 -27.68 9.95 -1.29
CA HYP J 11 -26.23 9.92 -0.93
C HYP J 11 -25.25 10.39 -2.09
O HYP J 11 -25.70 10.65 -3.22
CB HYP J 11 -25.89 8.47 -0.51
CG HYP J 11 -27.23 7.82 -0.15
CD HYP J 11 -28.22 8.59 -1.06
OD1 HYP J 11 -27.58 7.85 1.20
N GLY J 12 -23.97 10.49 -1.77
CA GLY J 12 -22.96 10.84 -2.75
C GLY J 12 -22.27 9.64 -3.37
N ILE J 13 -21.37 9.89 -4.31
CA ILE J 13 -20.66 8.83 -5.00
C ILE J 13 -19.16 9.01 -4.72
N HYP J 14 -18.42 7.90 -4.74
CA HYP J 14 -16.97 7.93 -4.46
C HYP J 14 -16.10 8.32 -5.70
O HYP J 14 -16.51 8.09 -6.85
CB HYP J 14 -16.57 6.55 -3.95
CG HYP J 14 -17.83 5.99 -3.28
CD HYP J 14 -18.96 6.66 -4.12
OD1 HYP J 14 -17.93 6.23 -1.91
N GLY J 15 -14.91 8.87 -5.45
CA GLY J 15 -14.00 9.24 -6.51
C GLY J 15 -13.16 8.07 -6.97
N ILE J 16 -12.48 8.24 -8.10
CA ILE J 16 -11.70 7.16 -8.67
C ILE J 16 -10.21 7.41 -8.49
N HYP J 17 -9.42 6.33 -8.52
CA HYP J 17 -7.95 6.47 -8.44
C HYP J 17 -7.33 7.32 -9.62
O HYP J 17 -7.81 7.23 -10.76
CB HYP J 17 -7.33 5.06 -8.43
CG HYP J 17 -8.46 4.11 -8.01
CD HYP J 17 -9.73 4.88 -8.47
OD1 HYP J 17 -8.47 3.73 -6.67
N GLY J 18 -6.30 8.09 -9.31
CA GLY J 18 -5.63 8.89 -10.32
C GLY J 18 -4.81 8.04 -11.26
N THR J 19 -4.55 8.57 -12.45
CA THR J 19 -3.80 7.83 -13.45
C THR J 19 -2.34 7.65 -13.03
N HYP J 20 -1.75 6.53 -13.44
CA HYP J 20 -0.34 6.29 -13.17
C HYP J 20 0.60 7.15 -14.10
O HYP J 20 0.38 7.22 -15.32
CB HYP J 20 -0.07 4.78 -13.36
CG HYP J 20 -1.43 4.10 -13.18
CD HYP J 20 -2.39 5.21 -13.67
OD1 HYP J 20 -1.73 3.66 -11.89
N GLY J 21 1.60 7.78 -13.49
CA GLY J 21 2.45 8.72 -14.20
C GLY J 21 3.16 8.16 -15.43
N PRO J 22 3.54 9.05 -16.33
CA PRO J 22 4.34 8.65 -17.49
C PRO J 22 5.79 8.40 -17.09
N ASP J 23 6.47 7.60 -17.91
CA ASP J 23 7.82 7.20 -17.59
C ASP J 23 8.78 8.38 -17.73
N GLY J 24 9.92 8.26 -17.05
CA GLY J 24 10.93 9.30 -17.09
C GLY J 24 11.67 9.34 -18.41
N GLN J 25 12.34 10.46 -18.64
CA GLN J 25 13.12 10.65 -19.85
C GLN J 25 14.41 9.83 -19.81
N HYP J 26 14.76 9.26 -20.95
CA HYP J 26 15.94 8.37 -21.04
C HYP J 26 17.32 9.13 -21.02
O HYP J 26 17.37 10.33 -21.36
CB HYP J 26 15.77 7.53 -22.32
CG HYP J 26 14.24 7.44 -22.51
CD HYP J 26 13.81 8.84 -22.01
OD1 HYP J 26 13.61 6.41 -21.81
N GLY J 27 18.38 8.43 -20.61
CA GLY J 27 19.65 9.05 -20.30
C GLY J 27 20.37 9.86 -21.36
N THR J 28 21.50 10.45 -20.97
CA THR J 28 22.28 11.33 -21.82
C THR J 28 23.42 10.59 -22.53
N HYP J 29 24.17 11.30 -23.37
CA HYP J 29 25.37 10.73 -24.00
C HYP J 29 26.72 11.39 -23.50
O HYP J 29 26.71 12.45 -22.84
CB HYP J 29 25.24 10.89 -25.52
CG HYP J 29 23.77 11.28 -25.85
CD HYP J 29 23.12 11.43 -24.44
OD1 HYP J 29 23.09 10.41 -26.70
N GLY J 30 27.85 10.78 -23.83
CA GLY J 30 29.15 11.31 -23.48
C GLY J 30 29.40 11.29 -21.99
N ALA K 6 -33.58 18.58 1.35
CA ALA K 6 -32.93 17.28 1.40
C ALA K 6 -31.42 17.43 1.62
N PRO K 7 -30.95 17.02 2.80
CA PRO K 7 -29.52 17.09 3.09
C PRO K 7 -28.72 16.05 2.32
N ASP K 8 -28.37 16.39 1.08
CA ASP K 8 -27.79 15.41 0.17
C ASP K 8 -26.33 15.11 0.51
N GLY K 9 -25.86 13.99 -0.02
CA GLY K 9 -24.54 13.49 0.33
C GLY K 9 -23.43 14.15 -0.47
N LYS K 10 -22.31 14.41 0.19
CA LYS K 10 -21.15 15.00 -0.45
C LYS K 10 -20.53 14.06 -1.49
N LYS K 11 -20.11 14.64 -2.61
CA LYS K 11 -19.26 13.98 -3.59
C LYS K 11 -17.86 13.72 -3.04
N GLY K 12 -17.29 12.59 -3.45
CA GLY K 12 -15.90 12.31 -3.18
C GLY K 12 -14.98 13.01 -4.17
N GLU K 13 -13.69 12.87 -3.94
CA GLU K 13 -12.70 13.48 -4.83
C GLU K 13 -11.85 12.39 -5.47
N ALA K 14 -11.61 12.56 -6.77
CA ALA K 14 -10.89 11.56 -7.54
C ALA K 14 -9.42 11.53 -7.17
N GLY K 15 -8.81 10.36 -7.30
CA GLY K 15 -7.40 10.22 -6.97
C GLY K 15 -6.53 11.11 -7.84
N ARG K 16 -5.33 11.36 -7.33
CA ARG K 16 -4.41 12.23 -8.04
C ARG K 16 -3.50 11.41 -8.94
N HYP K 17 -3.18 11.98 -10.09
CA HYP K 17 -2.31 11.30 -11.07
C HYP K 17 -0.89 10.98 -10.52
O HYP K 17 -0.31 11.78 -9.75
CB HYP K 17 -2.19 12.22 -12.30
CG HYP K 17 -2.59 13.63 -11.83
CD HYP K 17 -3.42 13.36 -10.57
OD1 HYP K 17 -3.27 14.41 -12.77
N GLY K 18 -0.34 9.82 -10.90
CA GLY K 18 1.01 9.46 -10.52
C GLY K 18 2.01 10.45 -11.07
N ARG K 19 3.09 10.68 -10.32
CA ARG K 19 4.13 11.56 -10.81
C ARG K 19 4.89 10.90 -11.95
N ARG K 20 5.75 11.69 -12.60
CA ARG K 20 6.68 11.19 -13.60
C ARG K 20 7.53 10.06 -13.06
N GLY K 21 7.99 9.19 -13.95
CA GLY K 21 9.03 8.26 -13.60
C GLY K 21 10.37 8.95 -13.51
N ARG K 22 11.31 8.28 -12.86
CA ARG K 22 12.63 8.86 -12.71
C ARG K 22 13.30 8.84 -14.06
N HYP K 23 14.12 9.84 -14.33
CA HYP K 23 14.80 9.90 -15.63
C HYP K 23 16.18 9.17 -15.61
O HYP K 23 16.96 9.33 -14.64
CB HYP K 23 14.97 11.37 -16.00
CG HYP K 23 13.85 12.10 -15.25
CD HYP K 23 13.70 11.22 -13.99
OD1 HYP K 23 12.66 12.26 -15.97
N GLY K 24 16.45 8.37 -16.63
CA GLY K 24 17.70 7.65 -16.75
C GLY K 24 18.95 8.51 -16.62
N LEU K 25 20.02 7.88 -16.16
CA LEU K 25 21.31 8.52 -15.99
C LEU K 25 22.23 8.07 -17.12
N LYS K 26 23.50 8.44 -17.04
CA LYS K 26 24.43 8.18 -18.13
C LYS K 26 24.69 6.69 -18.29
N GLY K 27 24.93 6.29 -19.54
CA GLY K 27 25.37 4.96 -19.87
C GLY K 27 26.79 4.71 -19.42
N GLN K 28 27.55 3.99 -20.24
CA GLN K 28 28.89 3.62 -19.84
C GLN K 28 29.76 4.86 -19.65
N GLY K 29 30.75 4.73 -18.77
CA GLY K 29 31.88 5.62 -18.78
C GLY K 29 32.96 5.07 -19.70
N GLU K 30 33.08 5.62 -20.91
CA GLU K 30 33.98 5.07 -21.92
C GLU K 30 35.43 5.06 -21.45
N GLY L 6 -37.05 13.32 8.31
CA GLY L 6 -35.89 13.66 7.51
C GLY L 6 -34.72 12.71 7.70
N ILE L 7 -34.26 12.13 6.61
CA ILE L 7 -33.12 11.20 6.63
C ILE L 7 -32.04 11.73 5.71
N HYP L 8 -30.83 11.84 6.24
CA HYP L 8 -29.71 12.48 5.51
C HYP L 8 -29.09 11.61 4.34
O HYP L 8 -29.34 10.39 4.26
CB HYP L 8 -28.60 12.82 6.53
CG HYP L 8 -29.14 12.47 7.93
CD HYP L 8 -30.36 11.56 7.61
OD1 HYP L 8 -29.44 13.57 8.72
N GLY L 9 -28.33 12.27 3.47
CA GLY L 9 -27.58 11.58 2.44
C GLY L 9 -26.26 11.09 2.99
N MET L 10 -25.60 10.19 2.26
CA MET L 10 -24.36 9.62 2.74
C MET L 10 -23.21 10.02 1.82
N HYP L 11 -22.11 10.47 2.42
CA HYP L 11 -20.96 10.97 1.63
C HYP L 11 -20.04 9.83 1.07
O HYP L 11 -20.08 8.69 1.57
CB HYP L 11 -20.15 11.91 2.52
CG HYP L 11 -20.57 11.59 3.96
CD HYP L 11 -21.99 11.02 3.77
OD1 HYP L 11 -20.51 12.67 4.85
N GLY L 12 -19.26 10.15 0.05
CA GLY L 12 -18.32 9.21 -0.53
C GLY L 12 -16.91 9.42 0.00
N LEU L 13 -16.02 8.49 -0.35
CA LEU L 13 -14.63 8.58 0.08
C LEU L 13 -13.74 8.99 -1.07
N HYP L 14 -12.51 9.39 -0.74
CA HYP L 14 -11.53 9.85 -1.74
C HYP L 14 -10.96 8.72 -2.70
O HYP L 14 -10.92 7.54 -2.32
CB HYP L 14 -10.39 10.50 -0.96
CG HYP L 14 -10.93 10.85 0.44
CD HYP L 14 -12.37 10.28 0.43
OD1 HYP L 14 -10.88 12.21 0.78
N GLY L 15 -10.55 9.12 -3.90
CA GLY L 15 -9.93 8.20 -4.83
C GLY L 15 -8.46 7.99 -4.51
N ALA L 16 -7.95 6.81 -4.86
CA ALA L 16 -6.56 6.49 -4.56
C ALA L 16 -5.62 7.23 -5.52
N HYP L 17 -4.56 7.80 -4.96
CA HYP L 17 -3.57 8.53 -5.79
C HYP L 17 -2.78 7.59 -6.79
O HYP L 17 -2.56 6.41 -6.48
CB HYP L 17 -2.62 9.25 -4.82
CG HYP L 17 -3.47 9.53 -3.58
CD HYP L 17 -4.44 8.31 -3.58
OD1 HYP L 17 -4.14 10.76 -3.57
N GLY L 18 -2.40 8.13 -7.93
CA GLY L 18 -1.84 7.33 -9.01
C GLY L 18 -0.44 6.79 -8.80
N LYS L 19 -0.21 5.58 -9.32
CA LYS L 19 1.14 5.02 -9.32
C LYS L 19 2.03 5.83 -10.26
N ASP L 20 3.26 6.07 -9.82
CA ASP L 20 4.14 6.95 -10.58
C ASP L 20 4.66 6.26 -11.84
N GLY L 21 5.15 7.07 -12.76
CA GLY L 21 5.81 6.56 -13.95
C GLY L 21 7.07 5.81 -13.62
N TYR L 22 7.71 5.26 -14.66
CA TYR L 22 8.81 4.34 -14.48
C TYR L 22 10.10 4.99 -14.97
N ASP L 23 11.23 4.39 -14.59
CA ASP L 23 12.51 4.98 -14.92
C ASP L 23 12.80 4.83 -16.41
N GLY L 24 13.15 5.94 -17.04
CA GLY L 24 13.63 5.89 -18.40
C GLY L 24 14.98 5.21 -18.46
N LEU L 25 15.18 4.38 -19.49
CA LEU L 25 16.44 3.66 -19.62
C LEU L 25 17.60 4.62 -19.79
N HYP L 26 18.78 4.19 -19.36
CA HYP L 26 19.98 5.05 -19.35
C HYP L 26 20.67 5.19 -20.78
O HYP L 26 20.61 4.26 -21.60
CB HYP L 26 20.96 4.47 -18.32
CG HYP L 26 20.09 3.60 -17.39
CD HYP L 26 19.02 3.11 -18.38
OD1 HYP L 26 19.55 4.25 -16.30
N GLY L 27 21.31 6.34 -21.00
CA GLY L 27 21.82 6.71 -22.31
C GLY L 27 22.77 5.77 -23.02
N PRO L 28 22.79 5.86 -24.35
CA PRO L 28 23.70 5.02 -25.14
C PRO L 28 25.08 5.65 -25.22
N LYS L 29 25.92 5.04 -26.04
CA LYS L 29 27.24 5.58 -26.34
C LYS L 29 27.11 6.96 -26.97
N GLY L 30 27.90 7.90 -26.48
CA GLY L 30 27.89 9.27 -26.96
C GLY L 30 29.00 9.57 -27.96
N PRO M 7 -34.01 16.33 17.07
CA PRO M 7 -34.07 16.05 15.64
C PRO M 7 -33.04 15.01 15.20
N HYP M 8 -33.37 14.24 14.17
CA HYP M 8 -32.43 13.25 13.61
C HYP M 8 -31.10 13.90 13.09
O HYP M 8 -31.14 15.00 12.51
CB HYP M 8 -33.17 12.50 12.50
CG HYP M 8 -34.64 12.55 12.90
CD HYP M 8 -34.72 13.92 13.62
OD1 HYP M 8 -35.09 11.48 13.67
N ALA M 9 -29.97 13.24 13.30
CA ALA M 9 -28.67 13.85 13.09
C ALA M 9 -28.18 13.80 11.64
N ILE M 10 -27.06 14.48 11.41
CA ILE M 10 -26.42 14.54 10.10
C ILE M 10 -25.00 13.96 10.24
N HYP M 11 -24.55 13.24 9.21
CA HYP M 11 -23.23 12.54 9.26
C HYP M 11 -21.98 13.48 9.02
O HYP M 11 -22.14 14.67 8.69
CB HYP M 11 -23.27 11.41 8.22
CG HYP M 11 -24.76 11.15 7.93
CD HYP M 11 -25.37 12.55 8.20
OD1 HYP M 11 -25.36 10.14 8.68
N GLY M 12 -20.78 12.92 9.18
CA GLY M 12 -19.56 13.65 8.91
C GLY M 12 -19.00 13.41 7.51
N ILE M 13 -17.90 14.08 7.19
CA ILE M 13 -17.30 13.96 5.87
C ILE M 13 -15.88 13.42 6.06
N HYP M 14 -15.37 12.70 5.06
CA HYP M 14 -14.02 12.10 5.13
C HYP M 14 -12.86 13.09 4.76
O HYP M 14 -13.09 14.06 4.01
CB HYP M 14 -14.01 10.91 4.17
CG HYP M 14 -15.45 10.42 4.12
CD HYP M 14 -16.24 11.74 4.34
OD1 HYP M 14 -15.78 9.42 5.03
N GLY M 15 -11.67 12.83 5.29
CA GLY M 15 -10.52 13.66 5.00
C GLY M 15 -9.85 13.26 3.70
N ILE M 16 -8.93 14.10 3.23
CA ILE M 16 -8.29 13.86 1.95
C ILE M 16 -6.84 13.44 2.16
N HYP M 17 -6.29 12.75 1.17
CA HYP M 17 -4.86 12.35 1.21
C HYP M 17 -3.87 13.57 1.30
O HYP M 17 -4.12 14.61 0.67
CB HYP M 17 -4.54 11.50 -0.03
CG HYP M 17 -5.89 11.00 -0.56
CD HYP M 17 -6.87 12.08 -0.04
OD1 HYP M 17 -6.24 9.70 -0.19
N GLY M 18 -2.79 13.41 2.06
CA GLY M 18 -1.80 14.46 2.18
C GLY M 18 -0.99 14.63 0.92
N THR M 19 -0.40 15.81 0.74
CA THR M 19 0.37 16.09 -0.46
C THR M 19 1.65 15.27 -0.50
N HYP M 20 2.08 14.93 -1.70
CA HYP M 20 3.34 14.21 -1.89
C HYP M 20 4.60 15.14 -1.68
O HYP M 20 4.64 16.26 -2.23
CB HYP M 20 3.35 13.58 -3.28
CG HYP M 20 1.87 13.46 -3.68
CD HYP M 20 1.27 14.66 -2.91
OD1 HYP M 20 1.26 12.25 -3.39
N GLY M 21 5.56 14.67 -0.90
CA GLY M 21 6.70 15.48 -0.52
C GLY M 21 7.50 16.07 -1.66
N PRO M 22 8.23 17.14 -1.38
CA PRO M 22 9.14 17.70 -2.37
C PRO M 22 10.41 16.87 -2.48
N ASP M 23 11.06 16.99 -3.63
CA ASP M 23 12.24 16.17 -3.91
C ASP M 23 13.41 16.60 -3.04
N GLY M 24 14.35 15.67 -2.87
CA GLY M 24 15.52 15.93 -2.07
C GLY M 24 16.50 16.87 -2.76
N GLN M 25 17.41 17.41 -1.97
CA GLN M 25 18.43 18.31 -2.47
C GLN M 25 19.49 17.55 -3.24
N HYP M 26 19.96 18.14 -4.33
CA HYP M 26 20.93 17.48 -5.24
C HYP M 26 22.40 17.45 -4.66
O HYP M 26 22.75 18.30 -3.81
CB HYP M 26 20.85 18.20 -6.59
CG HYP M 26 19.41 18.72 -6.65
CD HYP M 26 19.17 19.08 -5.16
OD1 HYP M 26 18.46 17.82 -7.14
N GLY M 27 23.20 16.50 -5.13
CA GLY M 27 24.49 16.19 -4.53
C GLY M 27 25.55 17.27 -4.42
N THR M 28 26.67 16.93 -3.80
CA THR M 28 27.76 17.86 -3.53
C THR M 28 28.84 17.80 -4.60
N HYP M 29 29.87 18.63 -4.47
CA HYP M 29 31.04 18.57 -5.37
C HYP M 29 32.38 18.11 -4.63
O HYP M 29 32.42 18.06 -3.40
CB HYP M 29 31.23 19.96 -5.99
CG HYP M 29 29.97 20.81 -5.72
CD HYP M 29 29.10 19.87 -4.84
OD1 HYP M 29 29.31 21.29 -6.86
N GLY M 30 33.41 17.80 -5.41
CA GLY M 30 34.69 17.41 -4.86
C GLY M 30 34.64 16.08 -4.14
N ALA N 6 -29.05 16.84 17.93
CA ALA N 6 -28.64 15.96 16.85
C ALA N 6 -27.20 15.48 17.04
N PRO N 7 -27.03 14.20 17.33
CA PRO N 7 -25.68 13.65 17.50
C PRO N 7 -24.94 13.54 16.17
N ASP N 8 -24.33 14.63 15.73
CA ASP N 8 -23.78 14.71 14.39
C ASP N 8 -22.47 13.91 14.27
N GLY N 9 -22.10 13.63 13.03
CA GLY N 9 -20.98 12.75 12.75
C GLY N 9 -19.65 13.49 12.81
N LYS N 10 -18.64 12.82 13.34
CA LYS N 10 -17.29 13.37 13.43
C LYS N 10 -16.68 13.56 12.04
N LYS N 11 -15.96 14.67 11.88
CA LYS N 11 -15.08 14.90 10.74
C LYS N 11 -13.86 13.99 10.77
N GLY N 12 -13.42 13.58 9.57
CA GLY N 12 -12.18 12.87 9.44
C GLY N 12 -10.99 13.83 9.42
N GLU N 13 -9.80 13.25 9.40
CA GLU N 13 -8.59 14.05 9.36
C GLU N 13 -7.83 13.79 8.05
N ALA N 14 -7.34 14.87 7.46
CA ALA N 14 -6.68 14.78 6.16
C ALA N 14 -5.32 14.11 6.29
N GLY N 15 -4.90 13.45 5.21
CA GLY N 15 -3.63 12.76 5.23
C GLY N 15 -2.47 13.72 5.44
N ARG N 16 -1.36 13.16 5.89
CA ARG N 16 -0.19 13.97 6.16
C ARG N 16 0.71 14.04 4.94
N HYP N 17 1.33 15.20 4.75
CA HYP N 17 2.23 15.43 3.62
C HYP N 17 3.46 14.45 3.59
O HYP N 17 4.01 14.11 4.66
CB HYP N 17 2.70 16.88 3.69
CG HYP N 17 2.48 17.35 5.13
CD HYP N 17 1.40 16.38 5.64
OD1 HYP N 17 2.13 18.69 5.28
N GLY N 18 3.85 14.01 2.39
CA GLY N 18 5.02 13.18 2.26
C GLY N 18 6.26 13.91 2.72
N ARG N 19 7.22 13.17 3.28
CA ARG N 19 8.47 13.78 3.69
C ARG N 19 9.29 14.17 2.47
N ARG N 20 10.37 14.91 2.74
CA ARG N 20 11.36 15.23 1.72
C ARG N 20 11.91 13.97 1.05
N GLY N 21 12.36 14.13 -0.19
CA GLY N 21 13.14 13.09 -0.81
C GLY N 21 14.55 13.06 -0.24
N ARG N 22 15.22 11.94 -0.47
CA ARG N 22 16.58 11.81 0.03
C ARG N 22 17.46 12.73 -0.78
N HYP N 23 18.47 13.28 -0.12
CA HYP N 23 19.38 14.20 -0.83
C HYP N 23 20.59 13.45 -1.50
O HYP N 23 21.19 12.58 -0.85
CB HYP N 23 19.87 15.25 0.18
CG HYP N 23 18.76 15.31 1.24
CD HYP N 23 18.25 13.84 1.22
OD1 HYP N 23 17.78 16.25 1.02
N GLY N 24 20.90 13.81 -2.74
CA GLY N 24 22.00 13.20 -3.45
C GLY N 24 23.33 13.25 -2.72
N LEU N 25 24.19 12.29 -3.03
CA LEU N 25 25.52 12.19 -2.46
C LEU N 25 26.53 12.63 -3.51
N LYS N 26 27.81 12.46 -3.21
CA LYS N 26 28.87 12.97 -4.07
C LYS N 26 28.89 12.23 -5.40
N GLY N 27 29.27 12.98 -6.45
CA GLY N 27 29.53 12.43 -7.75
C GLY N 27 30.79 11.59 -7.77
N GLN N 28 31.55 11.70 -8.86
CA GLN N 28 32.72 10.85 -9.01
C GLN N 28 33.74 11.13 -7.90
N GLY N 29 34.51 10.11 -7.57
CA GLY N 29 35.77 10.32 -6.88
C GLY N 29 36.87 10.50 -7.89
N GLU N 30 37.30 11.75 -8.12
CA GLU N 30 38.26 12.06 -9.18
C GLU N 30 39.59 11.32 -8.99
N GLY O 6 -34.70 9.62 17.65
CA GLY O 6 -33.38 10.15 17.43
C GLY O 6 -32.44 9.18 16.72
N ILE O 7 -31.90 9.62 15.59
CA ILE O 7 -30.97 8.81 14.82
C ILE O 7 -29.66 9.57 14.67
N HYP O 8 -28.56 8.91 15.02
CA HYP O 8 -27.23 9.57 15.07
C HYP O 8 -26.58 9.86 13.66
O HYP O 8 -27.01 9.30 12.64
CB HYP O 8 -26.28 8.67 15.89
CG HYP O 8 -27.12 7.51 16.45
CD HYP O 8 -28.40 7.55 15.58
OD1 HYP O 8 -27.37 7.56 17.81
N GLY O 9 -25.57 10.72 13.66
CA GLY O 9 -24.78 10.98 12.47
C GLY O 9 -23.69 9.94 12.34
N MET O 10 -23.07 9.87 11.16
CA MET O 10 -22.04 8.86 10.93
C MET O 10 -20.71 9.53 10.67
N HYP O 11 -19.68 9.04 11.34
CA HYP O 11 -18.33 9.66 11.26
C HYP O 11 -17.54 9.24 9.96
O HYP O 11 -17.86 8.22 9.33
CB HYP O 11 -17.54 9.28 12.51
CG HYP O 11 -18.26 8.06 13.10
CD HYP O 11 -19.71 8.24 12.59
OD1 HYP O 11 -18.18 7.94 14.49
N GLY O 12 -16.54 10.04 9.60
CA GLY O 12 -15.70 9.74 8.47
C GLY O 12 -14.39 9.10 8.88
N LEU O 13 -13.62 8.63 7.90
CA LEU O 13 -12.34 8.01 8.17
C LEU O 13 -11.19 8.93 7.79
N HYP O 14 -10.00 8.59 8.26
CA HYP O 14 -8.78 9.40 8.02
C HYP O 14 -8.26 9.39 6.52
O HYP O 14 -8.49 8.42 5.78
CB HYP O 14 -7.70 8.86 8.96
CG HYP O 14 -8.42 8.07 10.08
CD HYP O 14 -9.91 8.12 9.66
OD1 HYP O 14 -8.20 8.54 11.37
N GLY O 15 -7.58 10.46 6.13
CA GLY O 15 -6.97 10.54 4.82
C GLY O 15 -5.66 9.80 4.78
N ALA O 16 -5.29 9.29 3.61
CA ALA O 16 -4.05 8.55 3.46
C ALA O 16 -2.85 9.48 3.47
N HYP O 17 -1.82 9.11 4.22
CA HYP O 17 -0.59 9.92 4.30
C HYP O 17 0.19 9.99 2.92
O HYP O 17 0.15 9.04 2.13
CB HYP O 17 0.29 9.32 5.40
CG HYP O 17 -0.71 8.70 6.38
CD HYP O 17 -1.85 8.25 5.43
OD1 HYP O 17 -1.15 9.54 7.41
N GLY O 18 0.86 11.11 2.68
CA GLY O 18 1.46 11.39 1.37
C GLY O 18 2.69 10.58 1.01
N LYS O 19 2.80 10.25 -0.28
CA LYS O 19 4.00 9.61 -0.79
C LYS O 19 5.17 10.58 -0.72
N ASP O 20 6.32 10.07 -0.31
CA ASP O 20 7.46 10.94 -0.08
C ASP O 20 8.07 11.43 -1.39
N GLY O 21 8.86 12.50 -1.28
CA GLY O 21 9.62 13.00 -2.41
C GLY O 21 10.66 12.01 -2.88
N TYR O 22 11.35 12.37 -3.96
CA TYR O 22 12.24 11.45 -4.64
C TYR O 22 13.68 11.88 -4.45
N ASP O 23 14.60 10.97 -4.75
CA ASP O 23 16.01 11.23 -4.52
C ASP O 23 16.52 12.26 -5.51
N GLY O 24 17.17 13.30 -4.98
CA GLY O 24 17.87 14.24 -5.85
C GLY O 24 19.07 13.57 -6.49
N LEU O 25 19.31 13.88 -7.76
CA LEU O 25 20.42 13.27 -8.47
C LEU O 25 21.75 13.66 -7.84
N HYP O 26 22.73 12.78 -7.98
CA HYP O 26 24.05 12.97 -7.33
C HYP O 26 24.99 14.00 -8.06
O HYP O 26 24.92 14.15 -9.30
CB HYP O 26 24.71 11.58 -7.24
CG HYP O 26 23.54 10.58 -7.36
CD HYP O 26 22.60 11.34 -8.30
OD1 HYP O 26 22.94 10.19 -6.17
N GLY O 27 25.85 14.66 -7.28
CA GLY O 27 26.65 15.78 -7.76
C GLY O 27 27.52 15.59 -8.98
N PRO O 28 27.80 16.68 -9.68
CA PRO O 28 28.67 16.62 -10.85
C PRO O 28 30.14 16.70 -10.44
N LYS O 29 30.99 16.80 -11.46
CA LYS O 29 32.41 17.02 -11.23
C LYS O 29 32.64 18.32 -10.47
N GLY O 30 33.48 18.26 -9.45
CA GLY O 30 33.79 19.41 -8.63
C GLY O 30 35.10 20.09 -9.00
N PRO P 7 -33.05 3.19 24.92
CA PRO P 7 -32.88 4.23 23.89
C PRO P 7 -31.99 3.76 22.74
N HYP P 8 -32.27 4.26 21.54
CA HYP P 8 -31.44 3.95 20.36
C HYP P 8 -29.93 4.38 20.55
O HYP P 8 -29.66 5.44 21.13
CB HYP P 8 -32.07 4.64 19.15
CG HYP P 8 -33.56 4.72 19.48
CD HYP P 8 -33.52 4.89 21.03
OD1 HYP P 8 -34.34 3.66 19.06
N ALA P 9 -29.01 3.55 20.06
CA ALA P 9 -27.60 3.71 20.39
C ALA P 9 -26.87 4.72 19.53
N ILE P 10 -25.61 4.98 19.90
CA ILE P 10 -24.73 5.90 19.18
C ILE P 10 -23.50 5.14 18.71
N HYP P 11 -23.00 5.45 17.52
CA HYP P 11 -21.86 4.70 16.91
C HYP P 11 -20.44 5.07 17.49
O HYP P 11 -20.32 6.00 18.30
CB HYP P 11 -21.91 4.96 15.40
CG HYP P 11 -23.34 5.44 15.09
CD HYP P 11 -23.73 6.11 16.42
OD1 HYP P 11 -24.24 4.46 14.69
N GLY P 12 -19.41 4.33 17.06
CA GLY P 12 -18.05 4.62 17.46
C GLY P 12 -17.30 5.48 16.45
N ILE P 13 -16.05 5.80 16.77
CA ILE P 13 -15.23 6.64 15.92
C ILE P 13 -14.01 5.85 15.50
N HYP P 14 -13.46 6.14 14.33
CA HYP P 14 -12.28 5.42 13.79
C HYP P 14 -10.91 5.94 14.36
O HYP P 14 -10.80 7.12 14.75
CB HYP P 14 -12.30 5.56 12.27
CG HYP P 14 -13.78 5.71 11.91
CD HYP P 14 -14.34 6.43 13.17
OD1 HYP P 14 -14.45 4.53 11.61
N GLY P 15 -9.91 5.06 14.38
CA GLY P 15 -8.59 5.43 14.85
C GLY P 15 -7.77 6.10 13.77
N ILE P 16 -6.65 6.69 14.16
CA ILE P 16 -5.82 7.43 13.21
C ILE P 16 -4.55 6.66 12.90
N HYP P 17 -3.95 6.95 11.75
CA HYP P 17 -2.65 6.33 11.37
C HYP P 17 -1.49 6.65 12.39
O HYP P 17 -1.43 7.78 12.92
CB HYP P 17 -2.27 6.81 9.97
CG HYP P 17 -3.56 7.32 9.32
CD HYP P 17 -4.41 7.73 10.56
OD1 HYP P 17 -4.20 6.43 8.47
N GLY P 18 -0.63 5.68 12.64
CA GLY P 18 0.50 5.87 13.53
C GLY P 18 1.55 6.78 12.92
N THR P 19 2.37 7.39 13.77
CA THR P 19 3.40 8.31 13.30
C THR P 19 4.50 7.57 12.53
N HYP P 20 5.07 8.26 11.56
CA HYP P 20 6.19 7.69 10.80
C HYP P 20 7.52 7.69 11.63
O HYP P 20 7.88 8.71 12.25
CB HYP P 20 6.34 8.49 9.51
CG HYP P 20 4.97 9.13 9.26
CD HYP P 20 4.46 9.30 10.70
OD1 HYP P 20 4.10 8.41 8.44
N GLY P 21 8.22 6.56 11.63
CA GLY P 21 9.39 6.38 12.46
C GLY P 21 10.49 7.40 12.27
N PRO P 22 11.34 7.57 13.28
CA PRO P 22 12.52 8.42 13.15
C PRO P 22 13.60 7.75 12.34
N ASP P 23 14.47 8.57 11.77
CA ASP P 23 15.50 8.06 10.88
C ASP P 23 16.55 7.28 11.66
N GLY P 24 17.25 6.41 10.94
CA GLY P 24 18.28 5.59 11.55
C GLY P 24 19.53 6.39 11.89
N GLN P 25 20.35 5.79 12.74
CA GLN P 25 21.61 6.41 13.16
C GLN P 25 22.64 6.35 12.03
N HYP P 26 23.40 7.43 11.90
CA HYP P 26 24.38 7.56 10.79
C HYP P 26 25.69 6.70 11.03
O HYP P 26 26.02 6.37 12.19
CB HYP P 26 24.70 9.05 10.65
CG HYP P 26 23.41 9.75 11.11
CD HYP P 26 22.97 8.81 12.25
OD1 HYP P 26 22.43 9.92 10.13
N GLY P 27 26.38 6.37 9.94
CA GLY P 27 27.45 5.39 9.96
C GLY P 27 28.65 5.59 10.87
N THR P 28 29.55 4.61 10.88
CA THR P 28 30.72 4.61 11.75
C THR P 28 31.96 5.16 11.04
N HYP P 29 33.07 5.23 11.76
CA HYP P 29 34.37 5.61 11.15
C HYP P 29 35.42 4.44 11.11
O HYP P 29 35.23 3.41 11.76
CB HYP P 29 34.92 6.82 11.94
CG HYP P 29 33.80 7.37 12.85
CD HYP P 29 32.62 6.39 12.62
OD1 HYP P 29 33.48 8.72 12.65
N GLY P 30 36.51 4.64 10.37
CA GLY P 30 37.57 3.65 10.30
C GLY P 30 37.14 2.38 9.60
N ALA Q 6 -28.21 1.11 25.69
CA ALA Q 6 -27.79 1.50 24.35
C ALA Q 6 -26.53 0.74 23.93
N PRO Q 7 -26.68 -0.16 22.96
CA PRO Q 7 -25.52 -0.92 22.47
C PRO Q 7 -24.58 -0.04 21.65
N ASP Q 8 -23.69 0.66 22.32
CA ASP Q 8 -22.89 1.69 21.67
C ASP Q 8 -21.77 1.07 20.82
N GLY Q 9 -21.23 1.88 19.93
CA GLY Q 9 -20.26 1.40 18.95
C GLY Q 9 -18.85 1.35 19.51
N LYS Q 10 -18.11 0.31 19.13
CA LYS Q 10 -16.73 0.15 19.54
C LYS Q 10 -15.83 1.24 18.96
N LYS Q 11 -14.90 1.71 19.78
CA LYS Q 11 -13.78 2.54 19.34
C LYS Q 11 -12.80 1.76 18.47
N GLY Q 12 -12.23 2.45 17.49
CA GLY Q 12 -11.14 1.91 16.72
C GLY Q 12 -9.81 2.05 17.44
N GLU Q 13 -8.77 1.48 16.84
CA GLU Q 13 -7.45 1.57 17.42
C GLU Q 13 -6.52 2.35 16.49
N ALA Q 14 -5.71 3.22 17.08
CA ALA Q 14 -4.85 4.10 16.30
C ALA Q 14 -3.70 3.31 15.69
N GLY Q 15 -3.22 3.80 14.54
CA GLY Q 15 -2.13 3.13 13.86
C GLY Q 15 -0.88 3.08 14.71
N ARG Q 16 0.00 2.16 14.36
CA ARG Q 16 1.23 1.99 15.11
C ARG Q 16 2.35 2.81 14.49
N HYP Q 17 3.20 3.35 15.34
CA HYP Q 17 4.33 4.17 14.91
C HYP Q 17 5.32 3.40 13.95
O HYP Q 17 5.58 2.20 14.16
CB HYP Q 17 5.07 4.67 16.14
CG HYP Q 17 4.67 3.73 17.30
CD HYP Q 17 3.33 3.13 16.80
OD1 HYP Q 17 4.56 4.33 18.54
N GLY Q 18 5.85 4.11 12.95
CA GLY Q 18 6.84 3.52 12.07
C GLY Q 18 8.09 3.15 12.84
N ARG Q 19 8.74 2.06 12.42
CA ARG Q 19 9.99 1.68 13.06
C ARG Q 19 11.10 2.66 12.71
N ARG Q 20 12.23 2.50 13.40
CA ARG Q 20 13.44 3.25 13.09
C ARG Q 20 13.84 3.07 11.63
N GLY Q 21 14.54 4.07 11.10
CA GLY Q 21 15.22 3.88 9.84
C GLY Q 21 16.45 3.02 9.99
N ARG Q 22 16.93 2.51 8.86
CA ARG Q 22 18.10 1.67 8.90
C ARG Q 22 19.29 2.55 9.22
N HYP Q 23 20.25 1.99 9.95
CA HYP Q 23 21.43 2.78 10.31
C HYP Q 23 22.58 2.66 9.24
O HYP Q 23 22.86 1.54 8.77
CB HYP Q 23 21.92 2.29 11.69
CG HYP Q 23 20.67 1.71 12.36
CD HYP Q 23 19.88 1.19 11.13
OD1 HYP Q 23 19.94 2.61 13.15
N GLY Q 24 23.18 3.79 8.91
CA GLY Q 24 24.27 3.81 7.94
C GLY Q 24 25.41 2.87 8.25
N LEU Q 25 26.10 2.45 7.20
CA LEU Q 25 27.24 1.56 7.30
C LEU Q 25 28.52 2.39 7.08
N LYS Q 26 29.65 1.71 6.98
CA LYS Q 26 30.94 2.39 6.91
C LYS Q 26 31.08 3.18 5.60
N GLY Q 27 31.78 4.28 5.69
CA GLY Q 27 32.18 5.07 4.54
C GLY Q 27 33.23 4.35 3.72
N GLN Q 28 34.19 5.11 3.20
CA GLN Q 28 35.18 4.53 2.31
C GLN Q 28 36.00 3.47 3.03
N GLY Q 29 36.47 2.49 2.27
CA GLY Q 29 37.59 1.68 2.70
C GLY Q 29 38.89 2.32 2.26
N GLU Q 30 39.58 2.98 3.19
CA GLU Q 30 40.77 3.77 2.85
C GLU Q 30 41.86 2.91 2.21
N GLY R 6 -35.16 -0.84 19.33
CA GLY R 6 -33.73 -0.77 19.59
C GLY R 6 -32.88 -0.83 18.34
N ILE R 7 -32.05 0.17 18.14
CA ILE R 7 -31.15 0.23 17.00
C ILE R 7 -29.72 0.35 17.49
N HYP R 8 -28.85 -0.53 17.00
CA HYP R 8 -27.46 -0.64 17.51
C HYP R 8 -26.50 0.51 17.05
O HYP R 8 -26.82 1.26 16.10
CB HYP R 8 -26.89 -1.99 17.04
CG HYP R 8 -28.02 -2.76 16.35
CD HYP R 8 -29.08 -1.66 16.07
OD1 HYP R 8 -28.54 -3.85 17.06
N GLY R 9 -25.37 0.64 17.72
CA GLY R 9 -24.33 1.55 17.32
C GLY R 9 -23.44 0.91 16.27
N MET R 10 -22.63 1.72 15.59
CA MET R 10 -21.79 1.20 14.53
C MET R 10 -20.32 1.35 14.90
N HYP R 11 -19.55 0.29 14.71
CA HYP R 11 -18.13 0.29 15.11
C HYP R 11 -17.18 1.01 14.07
O HYP R 11 -17.57 1.17 12.90
CB HYP R 11 -17.69 -1.16 15.31
CG HYP R 11 -18.74 -2.02 14.58
CD HYP R 11 -19.99 -1.11 14.60
OD1 HYP R 11 -18.95 -3.28 15.13
N GLY R 12 -16.00 1.39 14.53
CA GLY R 12 -15.02 2.00 13.66
C GLY R 12 -13.97 1.01 13.21
N LEU R 13 -13.12 1.46 12.27
CA LEU R 13 -12.06 0.60 11.75
C LEU R 13 -10.71 1.02 12.30
N HYP R 14 -9.73 0.15 12.13
CA HYP R 14 -8.36 0.40 12.64
C HYP R 14 -7.55 1.54 11.88
O HYP R 14 -7.81 1.80 10.70
CB HYP R 14 -7.61 -0.94 12.54
CG HYP R 14 -8.67 -2.06 12.44
CD HYP R 14 -10.01 -1.28 12.38
OD1 HYP R 14 -8.63 -3.02 13.45
N GLY R 15 -6.62 2.16 12.59
CA GLY R 15 -5.75 3.15 11.98
C GLY R 15 -4.62 2.51 11.22
N ALA R 16 -4.13 3.19 10.19
CA ALA R 16 -3.04 2.66 9.37
C ALA R 16 -1.72 2.74 10.11
N HYP R 17 -0.95 1.66 10.06
CA HYP R 17 0.38 1.63 10.72
C HYP R 17 1.41 2.63 10.07
O HYP R 17 1.36 2.89 8.86
CB HYP R 17 0.88 0.18 10.65
CG HYP R 17 -0.41 -0.68 10.66
CD HYP R 17 -1.40 0.25 9.89
OD1 HYP R 17 -0.86 -1.06 11.92
N GLY R 18 2.33 3.16 10.89
CA GLY R 18 3.20 4.23 10.46
C GLY R 18 4.30 3.86 9.49
N LYS R 19 4.60 4.78 8.58
CA LYS R 19 5.74 4.62 7.69
C LYS R 19 7.04 4.68 8.49
N ASP R 20 7.97 3.79 8.16
CA ASP R 20 9.18 3.67 8.94
C ASP R 20 10.11 4.85 8.70
N GLY R 21 11.06 5.02 9.63
CA GLY R 21 12.11 6.01 9.48
C GLY R 21 13.01 5.69 8.30
N TYR R 22 13.97 6.59 8.06
CA TYR R 22 14.78 6.53 6.86
C TYR R 22 16.21 6.17 7.23
N ASP R 23 16.99 5.79 6.21
CA ASP R 23 18.34 5.32 6.46
C ASP R 23 19.24 6.49 6.84
N GLY R 24 19.94 6.33 7.96
CA GLY R 24 20.98 7.29 8.32
C GLY R 24 22.12 7.23 7.34
N LEU R 25 22.66 8.39 6.99
CA LEU R 25 23.76 8.43 6.02
C LEU R 25 24.98 7.71 6.58
N HYP R 26 25.79 7.18 5.67
CA HYP R 26 26.96 6.35 6.05
C HYP R 26 28.22 7.18 6.53
O HYP R 26 28.42 8.33 6.08
CB HYP R 26 27.32 5.49 4.82
CG HYP R 26 26.04 5.46 3.96
CD HYP R 26 25.46 6.84 4.27
OD1 HYP R 26 25.14 4.44 4.25
N GLY R 27 29.01 6.58 7.42
CA GLY R 27 30.08 7.28 8.12
C GLY R 27 31.12 8.00 7.30
N PRO R 28 31.74 9.02 7.90
CA PRO R 28 32.81 9.75 7.23
C PRO R 28 34.15 9.05 7.38
N LYS R 29 35.20 9.73 6.93
CA LYS R 29 36.56 9.26 7.12
C LYS R 29 36.86 9.13 8.60
N GLY R 30 37.46 8.00 8.97
CA GLY R 30 37.81 7.72 10.35
C GLY R 30 39.26 7.99 10.68
#